data_4UI2
#
_entry.id   4UI2
#
_cell.length_a   120.080
_cell.length_b   120.080
_cell.length_c   204.090
_cell.angle_alpha   90.00
_cell.angle_beta   90.00
_cell.angle_gamma   90.00
#
_symmetry.space_group_name_H-M   'P 43 21 2'
#
loop_
_entity.id
_entity.type
_entity.pdbx_description
1 polymer NEOGENIN
2 polymer 'BONE MORPHOGENETIC PROTEIN 2, BMP2'
3 polymer 'REPULSIVE GUIDANCE MOLECULE C, RGMC, HEMOJUVELIN'
4 polymer 'REPULSIVE GUIDANCE MOLECULE C, RGMC, HEMOJUVELIN'
5 branched beta-D-mannopyranose-(1-4)-2-acetamido-2-deoxy-beta-D-glucopyranose-(1-4)-2-acetamido-2-deoxy-beta-D-glucopyranose
6 non-polymer 'S,R MESO-TARTARIC ACID'
7 non-polymer 'ACETATE ION'
#
loop_
_entity_poly.entity_id
_entity_poly.type
_entity_poly.pdbx_seq_one_letter_code
_entity_poly.pdbx_strand_id
1 'polypeptide(L)'
;ETGTPMMPPVGVQASILSHDTIRITWADNSLPKHQKITDSRYYTVRWKTNIPANTKYKNANATTLSYLVTGLKPNTLYEF
SVMVTKGRRSSTWSMTAHGATFELVPTSPPKDVTVVSKEGKPRTIIVNWQPPSEANGKITGYIIYYSTDVNAEIHDWVIE
PVVGNRLTHQIQELTLDTPYYFKIQARNSKGMGPMSEAVQFRTPKADSSDKMPNDQALGSAGKGSRLPDLGSDYKPPMSG
SNSPHGSPTSPLDSNGTKHHHHHH
;
A
2 'polypeptide(L)'
;QAKHKQRKRLKSSCKRHPLYVDFSDVGWNDWIVAPPGYHAFYCHGECPFPLADHLNSTNHAIVQTLVNSVNSKIPKACCV
PTELSAISMLYLDENEKVVLKNYQDMVVEGCGCR
;
B
3 'polypeptide(L)'
;ETGQPAQCRIQKCTTDFVSLTSHLNSAVDGFDSEFCKALRAYAGCTQRTSKACRGNLVYHSAVLGISDLMSQRNCSKDGP
TSSTNPEVTHDPCNYHSHAGAREHRRGDQNPPSYLFCGLFGD
;
C
4 'polypeptide(L)'
;PHLRTFKDNFQTCKVEGAWPLIDNNYLSVQVTNVPVVPGSSATATNKITIIFKAHHGCTDQKVYQAVTDDLPAAFVDGTT
SGGDSDAKSLRIVERESGHYVEMHARYIGTTVFVRQVGRYLTLAIRMPEDLAMSYEESQDLQLCVNGCPLSERIDDGQGQ
VSAILGHSLPRTSLVQAWPGYTLETANTQCHEKMPVKDIYFQSCVFDLLTTGDANFTAAAHSALEDVEALHPRKERWHIF
PSGTKHHHHHH
;
D
#
# COMPACT_ATOMS: atom_id res chain seq x y z
N THR A 4 4.14 -13.19 37.39
CA THR A 4 4.57 -14.53 36.90
C THR A 4 4.89 -14.54 35.37
N PRO A 5 3.88 -14.38 34.46
CA PRO A 5 4.27 -14.13 33.05
C PRO A 5 4.06 -12.66 32.62
N MET A 6 5.09 -12.03 32.08
CA MET A 6 5.05 -10.59 31.73
C MET A 6 4.00 -10.21 30.67
N MET A 7 3.21 -9.14 30.85
CA MET A 7 2.19 -8.74 29.84
C MET A 7 2.90 -8.45 28.51
N PRO A 8 2.18 -8.60 27.38
CA PRO A 8 2.78 -8.20 26.12
C PRO A 8 2.51 -6.73 25.85
N PRO A 9 3.36 -6.10 25.01
CA PRO A 9 3.10 -4.71 24.68
C PRO A 9 1.78 -4.58 23.94
N VAL A 10 1.17 -3.39 23.99
CA VAL A 10 -0.13 -3.16 23.32
C VAL A 10 -0.10 -1.93 22.43
N GLY A 11 -1.24 -1.63 21.80
CA GLY A 11 -1.42 -0.42 21.00
C GLY A 11 -0.41 -0.31 19.87
N VAL A 12 -0.19 -1.41 19.17
CA VAL A 12 0.88 -1.46 18.19
C VAL A 12 0.40 -0.82 16.92
N GLN A 13 1.14 0.16 16.40
CA GLN A 13 0.72 0.88 15.19
C GLN A 13 1.84 1.01 14.19
N ALA A 14 1.45 0.95 12.92
CA ALA A 14 2.35 1.20 11.81
C ALA A 14 2.03 2.55 11.27
N SER A 15 3.03 3.33 10.95
CA SER A 15 2.82 4.56 10.21
C SER A 15 3.70 4.48 9.00
N ILE A 16 3.08 4.46 7.83
CA ILE A 16 3.85 4.23 6.63
C ILE A 16 4.47 5.57 6.28
N LEU A 17 5.77 5.53 5.98
CA LEU A 17 6.58 6.70 5.74
C LEU A 17 7.04 6.80 4.29
N SER A 18 7.23 5.64 3.63
CA SER A 18 7.66 5.56 2.22
C SER A 18 7.41 4.13 1.66
N HIS A 19 7.75 3.92 0.38
CA HIS A 19 7.59 2.62 -0.24
C HIS A 19 8.44 1.54 0.39
N ASP A 20 9.54 1.93 1.04
CA ASP A 20 10.44 0.96 1.66
C ASP A 20 10.44 1.04 3.18
N THR A 21 9.60 1.87 3.79
CA THR A 21 9.81 2.23 5.19
C THR A 21 8.56 2.52 6.03
N ILE A 22 8.40 1.79 7.12
CA ILE A 22 7.30 1.98 8.07
C ILE A 22 7.79 2.10 9.53
N ARG A 23 7.25 3.08 10.27
CA ARG A 23 7.48 3.09 11.72
C ARG A 23 6.47 2.45 12.58
N ILE A 24 7.00 1.56 13.42
CA ILE A 24 6.22 0.87 14.39
C ILE A 24 6.36 1.54 15.75
N THR A 25 5.22 1.68 16.43
CA THR A 25 5.17 2.12 17.81
C THR A 25 4.24 1.24 18.61
N TRP A 26 4.50 1.21 19.90
CA TRP A 26 3.76 0.39 20.81
C TRP A 26 3.83 0.94 22.23
N ALA A 27 2.96 0.41 23.08
CA ALA A 27 2.85 0.82 24.45
C ALA A 27 3.15 -0.36 25.37
N ASP A 28 3.70 -0.03 26.52
CA ASP A 28 3.98 -1.00 27.57
C ASP A 28 3.23 -0.54 28.80
N ASN A 29 2.17 -1.25 29.16
CA ASN A 29 1.39 -0.93 30.38
C ASN A 29 2.15 -1.24 31.64
N SER A 30 3.16 -2.09 31.50
CA SER A 30 4.13 -2.37 32.54
C SER A 30 4.74 -1.08 33.11
N LEU A 31 5.05 -0.10 32.26
CA LEU A 31 5.83 1.10 32.64
C LEU A 31 4.97 2.23 33.23
N PRO A 32 5.59 3.13 34.06
CA PRO A 32 4.85 4.32 34.52
C PRO A 32 4.37 5.17 33.33
N LYS A 33 3.13 5.61 33.36
CA LYS A 33 2.49 6.25 32.19
C LYS A 33 3.04 7.67 31.87
N HIS A 34 3.00 8.02 30.59
CA HIS A 34 3.28 9.38 30.07
C HIS A 34 4.53 10.11 30.55
N GLN A 35 5.74 9.54 30.47
CA GLN A 35 6.10 8.13 30.20
C GLN A 35 7.58 7.98 30.60
N LYS A 36 8.09 6.76 30.67
CA LYS A 36 9.50 6.55 31.07
C LYS A 36 10.01 5.17 30.69
N ILE A 37 11.32 5.04 30.47
CA ILE A 37 11.98 3.73 30.42
C ILE A 37 13.12 3.80 31.42
N THR A 38 13.21 2.85 32.36
CA THR A 38 14.17 2.98 33.48
C THR A 38 15.06 1.78 33.77
N ASP A 39 14.81 0.63 33.15
CA ASP A 39 15.55 -0.58 33.45
C ASP A 39 16.09 -1.25 32.19
N SER A 40 16.92 -2.28 32.38
CA SER A 40 17.64 -2.90 31.28
C SER A 40 16.78 -3.95 30.52
N ARG A 41 15.46 -3.71 30.44
CA ARG A 41 14.56 -4.48 29.59
C ARG A 41 14.79 -4.13 28.14
N TYR A 42 14.33 -5.00 27.23
CA TYR A 42 14.28 -4.65 25.81
C TYR A 42 13.09 -5.20 25.03
N TYR A 43 12.78 -4.54 23.91
CA TYR A 43 11.73 -4.94 23.01
C TYR A 43 12.32 -5.66 21.79
N THR A 44 11.62 -6.67 21.32
CA THR A 44 12.04 -7.35 20.12
C THR A 44 10.89 -7.24 19.10
N VAL A 45 11.19 -6.77 17.89
CA VAL A 45 10.16 -6.46 16.88
C VAL A 45 10.35 -7.40 15.72
N ARG A 46 9.23 -7.89 15.23
CA ARG A 46 9.27 -8.85 14.13
C ARG A 46 8.27 -8.46 13.08
N TRP A 47 8.57 -8.83 11.85
CA TRP A 47 7.79 -8.37 10.73
C TRP A 47 7.98 -9.26 9.51
N LYS A 48 6.90 -9.45 8.75
CA LYS A 48 6.93 -10.28 7.57
C LYS A 48 5.73 -10.00 6.71
N THR A 49 5.75 -10.54 5.50
CA THR A 49 4.63 -10.43 4.59
C THR A 49 4.25 -11.83 4.16
N ASN A 50 3.47 -11.96 3.08
CA ASN A 50 3.13 -13.27 2.53
C ASN A 50 3.74 -13.60 1.20
N ILE A 51 4.40 -12.61 0.63
CA ILE A 51 5.01 -12.72 -0.64
C ILE A 51 6.51 -12.52 -0.50
N PRO A 52 7.30 -13.50 -0.95
CA PRO A 52 6.83 -14.71 -1.58
C PRO A 52 6.41 -15.73 -0.54
N ALA A 53 5.95 -16.85 -1.07
CA ALA A 53 5.50 -17.97 -0.30
C ALA A 53 6.53 -18.35 0.73
N ASN A 54 6.09 -18.51 1.96
CA ASN A 54 6.95 -18.89 3.07
C ASN A 54 8.12 -17.98 3.40
N THR A 55 7.93 -16.66 3.41
CA THR A 55 8.91 -15.80 4.06
C THR A 55 8.94 -16.18 5.51
N LYS A 56 10.12 -16.08 6.11
CA LYS A 56 10.24 -16.23 7.54
C LYS A 56 10.40 -14.82 8.11
N TYR A 57 10.15 -14.67 9.41
CA TYR A 57 10.17 -13.33 10.03
C TYR A 57 11.53 -12.62 10.05
N LYS A 58 11.50 -11.30 10.11
CA LYS A 58 12.67 -10.45 10.35
C LYS A 58 12.60 -9.93 11.80
N ASN A 59 13.76 -9.70 12.45
CA ASN A 59 13.83 -9.26 13.86
C ASN A 59 14.63 -8.02 14.09
N ALA A 60 14.33 -7.36 15.20
CA ALA A 60 15.10 -6.19 15.64
C ALA A 60 14.99 -6.04 17.16
N ASN A 61 16.11 -5.76 17.83
CA ASN A 61 16.03 -5.46 19.27
C ASN A 61 16.07 -3.94 19.44
N ALA A 62 15.24 -3.44 20.35
CA ALA A 62 15.13 -2.00 20.57
C ALA A 62 14.77 -1.65 22.01
N THR A 63 15.38 -0.57 22.51
CA THR A 63 15.22 -0.12 23.90
C THR A 63 14.26 1.08 23.97
N THR A 64 13.67 1.42 22.81
CA THR A 64 12.76 2.55 22.65
C THR A 64 11.38 1.95 22.34
N LEU A 65 10.32 2.73 22.51
CA LEU A 65 8.95 2.24 22.16
C LEU A 65 8.56 2.57 20.71
N SER A 66 9.55 2.59 19.82
CA SER A 66 9.36 2.92 18.43
C SER A 66 10.52 2.28 17.67
N TYR A 67 10.20 1.70 16.52
CA TYR A 67 11.23 1.13 15.65
C TYR A 67 10.94 1.39 14.17
N LEU A 68 12.00 1.65 13.41
CA LEU A 68 11.94 2.00 12.01
C LEU A 68 12.31 0.81 11.14
N VAL A 69 11.31 0.32 10.41
CA VAL A 69 11.51 -0.83 9.59
C VAL A 69 11.78 -0.38 8.18
N THR A 70 12.98 -0.71 7.68
CA THR A 70 13.42 -0.25 6.36
C THR A 70 13.53 -1.39 5.40
N GLY A 71 13.88 -1.07 4.16
CA GLY A 71 14.14 -2.09 3.13
C GLY A 71 13.00 -3.09 2.87
N LEU A 72 11.79 -2.56 2.77
CA LEU A 72 10.60 -3.32 2.49
C LEU A 72 10.29 -3.26 0.98
N LYS A 73 9.51 -4.22 0.49
CA LYS A 73 9.09 -4.24 -0.89
C LYS A 73 7.98 -3.21 -1.00
N PRO A 74 7.93 -2.47 -2.10
CA PRO A 74 6.83 -1.54 -2.35
C PRO A 74 5.49 -2.21 -2.49
N ASN A 75 4.44 -1.42 -2.29
CA ASN A 75 3.07 -1.88 -2.53
C ASN A 75 2.72 -3.20 -1.87
N THR A 76 3.33 -3.45 -0.73
CA THR A 76 3.24 -4.72 -0.08
C THR A 76 2.73 -4.50 1.32
N LEU A 77 1.80 -5.35 1.71
CA LEU A 77 1.29 -5.38 3.07
C LEU A 77 2.20 -6.21 3.93
N TYR A 78 2.63 -5.60 5.06
CA TYR A 78 3.44 -6.25 6.10
C TYR A 78 2.66 -6.37 7.41
N GLU A 79 2.99 -7.35 8.23
CA GLU A 79 2.40 -7.46 9.58
C GLU A 79 3.50 -7.25 10.59
N PHE A 80 3.13 -6.77 11.76
CA PHE A 80 4.10 -6.38 12.75
C PHE A 80 3.65 -6.79 14.15
N SER A 81 4.58 -7.33 14.94
CA SER A 81 4.32 -7.56 16.34
C SER A 81 5.59 -7.37 17.17
N VAL A 82 5.36 -7.16 18.47
CA VAL A 82 6.38 -6.86 19.43
C VAL A 82 6.23 -7.71 20.69
N MET A 83 7.38 -8.08 21.25
CA MET A 83 7.46 -8.70 22.57
C MET A 83 8.49 -7.94 23.38
N VAL A 84 8.35 -8.02 24.68
CA VAL A 84 9.30 -7.42 25.60
C VAL A 84 10.08 -8.55 26.24
N THR A 85 11.30 -8.30 26.65
CA THR A 85 12.02 -9.21 27.55
C THR A 85 12.64 -8.36 28.68
N LYS A 86 12.66 -8.87 29.92
CA LYS A 86 13.38 -8.22 31.05
C LYS A 86 14.22 -9.24 31.80
N GLY A 87 15.50 -9.32 31.45
CA GLY A 87 16.39 -10.34 32.01
C GLY A 87 16.03 -11.76 31.63
N ARG A 88 15.38 -12.49 32.53
CA ARG A 88 14.94 -13.86 32.25
C ARG A 88 13.56 -13.85 31.65
N ARG A 89 12.64 -13.07 32.22
CA ARG A 89 11.25 -13.02 31.73
C ARG A 89 11.12 -12.31 30.38
N SER A 90 10.38 -12.95 29.47
CA SER A 90 9.96 -12.35 28.19
C SER A 90 8.44 -12.35 28.17
N SER A 91 7.82 -11.72 27.18
CA SER A 91 6.36 -11.82 27.01
C SER A 91 6.16 -12.56 25.73
N THR A 92 4.90 -12.93 25.49
CA THR A 92 4.49 -13.43 24.18
C THR A 92 4.38 -12.22 23.28
N TRP A 93 4.00 -12.44 22.03
CA TRP A 93 3.92 -11.34 21.10
C TRP A 93 2.63 -10.55 21.24
N SER A 94 2.69 -9.27 20.86
CA SER A 94 1.57 -8.36 20.88
C SER A 94 0.54 -8.73 19.85
N MET A 95 -0.64 -8.13 20.02
CA MET A 95 -1.61 -7.95 18.94
C MET A 95 -0.81 -7.62 17.69
N THR A 96 -1.03 -8.34 16.58
CA THR A 96 -0.26 -8.01 15.36
C THR A 96 -1.00 -6.92 14.59
N ALA A 97 -0.26 -5.95 14.11
CA ALA A 97 -0.83 -4.82 13.41
C ALA A 97 -0.26 -4.79 12.02
N HIS A 98 -1.06 -4.35 11.03
CA HIS A 98 -0.62 -4.40 9.64
C HIS A 98 -0.42 -3.03 9.10
N GLY A 99 0.43 -2.93 8.09
CA GLY A 99 0.73 -1.68 7.42
C GLY A 99 1.33 -1.98 6.08
N ALA A 100 1.03 -1.14 5.11
CA ALA A 100 1.34 -1.47 3.74
C ALA A 100 2.02 -0.36 3.04
N THR A 101 3.15 -0.67 2.43
CA THR A 101 4.06 0.34 1.87
C THR A 101 3.48 1.04 0.67
N PHE A 102 3.93 2.23 0.38
CA PHE A 102 3.43 2.99 -0.75
C PHE A 102 3.93 2.37 -2.06
N GLU A 103 3.40 2.85 -3.18
CA GLU A 103 3.83 2.37 -4.50
C GLU A 103 5.15 2.95 -4.91
N LEU A 104 5.81 2.22 -5.79
CA LEU A 104 6.95 2.72 -6.48
C LEU A 104 6.80 2.48 -8.00
N VAL A 105 7.35 3.36 -8.81
CA VAL A 105 7.47 3.11 -10.24
C VAL A 105 8.01 1.70 -10.50
N PRO A 106 7.53 1.01 -11.54
CA PRO A 106 8.04 -0.33 -11.71
C PRO A 106 9.51 -0.32 -12.12
N THR A 107 10.22 -1.40 -11.76
CA THR A 107 11.67 -1.49 -11.95
C THR A 107 12.17 -2.74 -12.69
N SER A 108 11.28 -3.59 -13.17
CA SER A 108 11.67 -4.66 -14.06
C SER A 108 10.80 -4.53 -15.31
N PRO A 109 11.25 -5.17 -16.39
CA PRO A 109 10.37 -5.09 -17.53
C PRO A 109 9.31 -6.18 -17.42
N PRO A 110 8.29 -6.11 -18.29
CA PRO A 110 7.37 -7.22 -18.42
C PRO A 110 8.13 -8.47 -18.81
N LYS A 111 7.62 -9.61 -18.38
CA LYS A 111 8.28 -10.88 -18.58
C LYS A 111 7.60 -11.71 -19.68
N ASP A 112 8.30 -12.70 -20.21
CA ASP A 112 7.67 -13.75 -21.03
C ASP A 112 6.97 -13.23 -22.29
N VAL A 113 7.57 -12.25 -22.94
CA VAL A 113 6.98 -11.68 -24.14
C VAL A 113 6.99 -12.75 -25.25
N THR A 114 5.81 -13.06 -25.74
CA THR A 114 5.62 -14.18 -26.64
C THR A 114 4.83 -13.66 -27.83
N VAL A 115 5.32 -13.92 -29.05
CA VAL A 115 4.65 -13.41 -30.25
C VAL A 115 4.39 -14.45 -31.32
N VAL A 116 3.19 -14.39 -31.86
CA VAL A 116 2.67 -15.41 -32.78
C VAL A 116 1.77 -14.72 -33.81
N SER A 117 1.54 -15.35 -34.97
CA SER A 117 0.57 -14.77 -35.91
C SER A 117 -0.80 -15.36 -35.60
N LYS A 118 -1.86 -14.62 -35.95
CA LYS A 118 -3.21 -15.04 -35.63
C LYS A 118 -3.71 -16.10 -36.60
N GLU A 119 -4.50 -17.04 -36.07
CA GLU A 119 -5.03 -18.11 -36.92
C GLU A 119 -6.03 -17.54 -37.88
N GLY A 120 -5.82 -17.84 -39.15
CA GLY A 120 -6.72 -17.35 -40.17
C GLY A 120 -6.38 -15.98 -40.67
N LYS A 121 -5.79 -15.08 -39.87
CA LYS A 121 -5.41 -13.80 -40.40
C LYS A 121 -3.92 -13.53 -40.17
N PRO A 122 -3.06 -13.75 -41.18
CA PRO A 122 -1.59 -13.58 -41.09
C PRO A 122 -1.04 -12.14 -41.05
N ARG A 123 -1.83 -11.19 -41.55
CA ARG A 123 -1.47 -9.76 -41.43
C ARG A 123 -1.66 -9.19 -40.02
N THR A 124 -2.25 -10.00 -39.14
CA THR A 124 -2.46 -9.67 -37.74
C THR A 124 -1.55 -10.56 -36.93
N ILE A 125 -0.92 -9.97 -35.91
CA ILE A 125 -0.11 -10.73 -34.94
C ILE A 125 -0.64 -10.51 -33.54
N ILE A 126 -0.28 -11.44 -32.67
CA ILE A 126 -0.73 -11.43 -31.30
C ILE A 126 0.48 -11.39 -30.37
N VAL A 127 0.44 -10.44 -29.43
CA VAL A 127 1.44 -10.32 -28.39
C VAL A 127 0.86 -10.80 -27.07
N ASN A 128 1.54 -11.76 -26.44
CA ASN A 128 1.24 -12.16 -25.07
C ASN A 128 2.44 -11.90 -24.20
N TRP A 129 2.18 -11.60 -22.94
CA TRP A 129 3.26 -11.38 -21.98
C TRP A 129 2.77 -11.61 -20.55
N GLN A 130 3.68 -11.42 -19.61
CA GLN A 130 3.39 -11.55 -18.20
C GLN A 130 3.88 -10.31 -17.51
N PRO A 131 3.25 -9.96 -16.36
CA PRO A 131 3.58 -8.69 -15.73
C PRO A 131 4.99 -8.70 -15.18
N PRO A 132 5.53 -7.52 -14.85
CA PRO A 132 6.87 -7.43 -14.32
C PRO A 132 6.89 -7.96 -12.93
N SER A 133 8.00 -8.60 -12.61
CA SER A 133 8.12 -9.23 -11.30
C SER A 133 8.33 -8.12 -10.30
N GLU A 134 8.89 -6.99 -10.71
CA GLU A 134 9.00 -5.81 -9.84
C GLU A 134 8.04 -4.73 -10.32
N ALA A 135 6.76 -5.06 -10.33
CA ALA A 135 5.74 -4.12 -10.77
C ALA A 135 5.62 -2.94 -9.82
N ASN A 136 5.82 -3.23 -8.53
CA ASN A 136 5.91 -2.22 -7.48
C ASN A 136 4.66 -1.39 -7.27
N GLY A 137 3.52 -1.92 -7.65
CA GLY A 137 2.30 -1.12 -7.63
C GLY A 137 1.33 -1.60 -8.67
N LYS A 138 0.07 -1.19 -8.52
CA LYS A 138 -0.98 -1.62 -9.44
C LYS A 138 -0.66 -1.14 -10.80
N ILE A 139 -0.59 -2.07 -11.75
CA ILE A 139 -0.26 -1.74 -13.13
C ILE A 139 -1.47 -1.10 -13.81
N THR A 140 -1.25 0.14 -14.26
CA THR A 140 -2.30 0.95 -14.85
C THR A 140 -2.23 0.92 -16.37
N GLY A 141 -1.22 0.26 -16.92
CA GLY A 141 -1.12 0.08 -18.38
C GLY A 141 0.21 -0.46 -18.85
N TYR A 142 0.26 -0.84 -20.12
CA TYR A 142 1.51 -1.20 -20.75
C TYR A 142 1.65 -0.39 -22.03
N ILE A 143 2.81 -0.47 -22.66
CA ILE A 143 3.10 0.22 -23.90
C ILE A 143 3.86 -0.74 -24.77
N ILE A 144 3.37 -0.97 -25.97
CA ILE A 144 4.04 -1.90 -26.87
C ILE A 144 4.78 -1.10 -27.91
N TYR A 145 6.04 -1.47 -28.12
CA TYR A 145 6.87 -0.86 -29.14
C TYR A 145 7.14 -1.87 -30.22
N TYR A 146 7.06 -1.46 -31.48
CA TYR A 146 7.55 -2.32 -32.55
C TYR A 146 8.14 -1.59 -33.74
N SER A 147 9.05 -2.30 -34.41
CA SER A 147 9.76 -1.82 -35.58
C SER A 147 10.24 -3.00 -36.44
N THR A 148 10.39 -2.71 -37.73
CA THR A 148 11.02 -3.63 -38.68
C THR A 148 12.54 -3.51 -38.63
N ASP A 149 13.01 -2.31 -38.29
CA ASP A 149 14.41 -2.04 -38.02
C ASP A 149 14.61 -2.09 -36.50
N VAL A 150 15.25 -3.17 -36.04
CA VAL A 150 15.50 -3.37 -34.61
C VAL A 150 16.39 -2.29 -34.00
N ASN A 151 17.21 -1.64 -34.81
CA ASN A 151 18.14 -0.63 -34.31
C ASN A 151 17.61 0.81 -34.35
N ALA A 152 16.46 1.03 -35.00
CA ALA A 152 15.83 2.36 -35.06
C ALA A 152 15.74 2.97 -33.67
N GLU A 153 15.97 4.29 -33.56
CA GLU A 153 15.94 4.98 -32.25
C GLU A 153 14.55 4.79 -31.65
N ILE A 154 14.50 4.55 -30.35
CA ILE A 154 13.28 4.06 -29.68
C ILE A 154 12.02 4.92 -29.92
N HIS A 155 12.21 6.23 -29.99
CA HIS A 155 11.13 7.18 -30.26
C HIS A 155 10.58 7.11 -31.71
N ASP A 156 11.36 6.54 -32.64
CA ASP A 156 10.91 6.27 -34.02
C ASP A 156 10.20 4.94 -34.23
N TRP A 157 10.11 4.11 -33.19
CA TRP A 157 9.32 2.86 -33.23
C TRP A 157 7.85 3.20 -33.16
N VAL A 158 7.00 2.26 -33.54
CA VAL A 158 5.56 2.45 -33.38
C VAL A 158 5.22 2.19 -31.93
N ILE A 159 4.41 3.09 -31.38
CA ILE A 159 4.04 3.06 -29.98
C ILE A 159 2.55 2.73 -29.89
N GLU A 160 2.20 1.71 -29.09
CA GLU A 160 0.80 1.28 -28.92
C GLU A 160 0.49 1.19 -27.43
N PRO A 161 -0.28 2.16 -26.89
CA PRO A 161 -0.73 2.06 -25.50
C PRO A 161 -1.74 0.95 -25.31
N VAL A 162 -1.84 0.47 -24.08
CA VAL A 162 -2.55 -0.75 -23.75
C VAL A 162 -3.02 -0.66 -22.30
N VAL A 163 -4.16 -1.26 -21.99
CA VAL A 163 -4.69 -1.19 -20.62
C VAL A 163 -3.91 -2.08 -19.68
N GLY A 164 -4.07 -1.80 -18.38
CA GLY A 164 -3.28 -2.48 -17.34
C GLY A 164 -3.67 -3.92 -17.01
N ASN A 165 -4.88 -4.30 -17.40
CA ASN A 165 -5.44 -5.59 -17.01
C ASN A 165 -5.57 -6.58 -18.15
N ARG A 166 -4.69 -6.47 -19.14
CA ARG A 166 -4.74 -7.39 -20.24
C ARG A 166 -3.33 -7.78 -20.59
N LEU A 167 -3.11 -9.09 -20.71
CA LEU A 167 -1.78 -9.60 -20.96
C LEU A 167 -1.61 -10.16 -22.37
N THR A 168 -2.60 -9.90 -23.21
CA THR A 168 -2.56 -10.21 -24.63
C THR A 168 -3.12 -9.03 -25.42
N HIS A 169 -2.57 -8.80 -26.61
CA HIS A 169 -3.07 -7.71 -27.44
C HIS A 169 -2.84 -7.96 -28.95
N GLN A 170 -3.76 -7.45 -29.76
CA GLN A 170 -3.69 -7.66 -31.19
C GLN A 170 -3.25 -6.43 -31.95
N ILE A 171 -2.31 -6.63 -32.87
CA ILE A 171 -1.88 -5.58 -33.78
C ILE A 171 -2.14 -6.06 -35.20
N GLN A 172 -2.91 -5.27 -35.93
CA GLN A 172 -3.43 -5.65 -37.20
C GLN A 172 -2.65 -4.97 -38.32
N GLU A 173 -2.89 -5.43 -39.54
CA GLU A 173 -2.53 -4.67 -40.74
C GLU A 173 -1.02 -4.59 -41.00
N LEU A 174 -0.32 -5.70 -40.81
CA LEU A 174 1.13 -5.76 -41.04
C LEU A 174 1.47 -6.31 -42.43
N THR A 175 2.78 -6.28 -42.74
CA THR A 175 3.31 -6.84 -43.99
C THR A 175 3.71 -8.29 -43.78
N LEU A 176 3.44 -9.10 -44.79
CA LEU A 176 3.79 -10.52 -44.75
C LEU A 176 5.29 -10.71 -44.99
N ASP A 177 5.78 -11.89 -44.61
CA ASP A 177 7.17 -12.29 -44.85
C ASP A 177 8.17 -11.25 -44.35
N THR A 178 7.87 -10.69 -43.18
CA THR A 178 8.57 -9.53 -42.63
C THR A 178 8.98 -9.75 -41.17
N PRO A 179 10.29 -9.58 -40.84
CA PRO A 179 10.69 -9.58 -39.44
C PRO A 179 10.22 -8.30 -38.75
N TYR A 180 9.48 -8.49 -37.66
CA TYR A 180 9.13 -7.43 -36.74
C TYR A 180 9.80 -7.71 -35.40
N TYR A 181 10.03 -6.64 -34.66
CA TYR A 181 10.66 -6.72 -33.37
C TYR A 181 9.75 -6.02 -32.38
N PHE A 182 9.71 -6.53 -31.14
CA PHE A 182 8.78 -6.03 -30.12
C PHE A 182 9.44 -5.79 -28.76
N LYS A 183 9.14 -4.64 -28.17
CA LYS A 183 9.44 -4.39 -26.77
C LYS A 183 8.17 -3.95 -26.06
N ILE A 184 8.04 -4.33 -24.80
CA ILE A 184 6.93 -3.84 -24.00
C ILE A 184 7.43 -3.18 -22.71
N GLN A 185 6.64 -2.25 -22.18
CA GLN A 185 6.94 -1.65 -20.90
C GLN A 185 5.69 -1.45 -20.05
N ALA A 186 5.91 -1.44 -18.74
CA ALA A 186 4.84 -1.38 -17.77
C ALA A 186 4.73 0.03 -17.25
N ARG A 187 3.53 0.42 -16.82
CA ARG A 187 3.35 1.69 -16.09
C ARG A 187 2.44 1.50 -14.88
N ASN A 188 2.69 2.30 -13.84
CA ASN A 188 1.78 2.38 -12.70
C ASN A 188 1.59 3.83 -12.27
N SER A 189 0.84 4.01 -11.18
CA SER A 189 0.50 5.34 -10.71
C SER A 189 1.71 6.25 -10.55
N LYS A 190 2.90 5.69 -10.42
CA LYS A 190 4.11 6.48 -10.20
C LYS A 190 5.01 6.58 -11.45
N GLY A 191 4.64 5.94 -12.55
CA GLY A 191 5.36 6.15 -13.80
C GLY A 191 5.63 4.91 -14.62
N MET A 192 6.59 5.02 -15.53
CA MET A 192 6.87 3.96 -16.49
C MET A 192 8.11 3.16 -16.10
N GLY A 193 7.97 1.85 -16.11
CA GLY A 193 9.09 0.93 -15.83
C GLY A 193 9.99 0.69 -17.03
N PRO A 194 11.02 -0.17 -16.88
CA PRO A 194 11.94 -0.35 -17.99
C PRO A 194 11.30 -1.13 -19.10
N MET A 195 11.90 -0.99 -20.29
CA MET A 195 11.51 -1.70 -21.51
C MET A 195 12.00 -3.16 -21.50
N SER A 196 11.18 -4.04 -22.07
CA SER A 196 11.53 -5.47 -22.16
C SER A 196 12.54 -5.64 -23.26
N GLU A 197 13.27 -6.76 -23.22
CA GLU A 197 14.13 -7.13 -24.36
C GLU A 197 13.34 -7.24 -25.65
N ALA A 198 13.93 -6.78 -26.75
CA ALA A 198 13.28 -6.90 -28.06
C ALA A 198 13.09 -8.37 -28.37
N VAL A 199 11.91 -8.75 -28.85
CA VAL A 199 11.62 -10.13 -29.30
C VAL A 199 11.34 -10.10 -30.77
N GLN A 200 12.04 -10.95 -31.53
CA GLN A 200 11.95 -10.94 -32.98
C GLN A 200 10.91 -11.92 -33.46
N PHE A 201 10.05 -11.49 -34.37
CA PHE A 201 9.07 -12.38 -34.96
C PHE A 201 8.92 -12.08 -36.42
N ARG A 202 8.79 -13.13 -37.22
CA ARG A 202 8.63 -12.97 -38.64
C ARG A 202 7.25 -13.42 -39.15
N THR A 203 6.54 -12.51 -39.82
CA THR A 203 5.23 -12.82 -40.40
C THR A 203 5.41 -13.86 -41.51
N PRO A 204 4.37 -14.63 -41.81
CA PRO A 204 4.45 -15.72 -42.82
C PRO A 204 4.55 -15.30 -44.32
N LYS B 11 2.60 29.56 45.71
CA LYS B 11 3.93 29.55 46.40
C LYS B 11 5.03 28.73 45.66
N SER B 12 4.96 28.68 44.33
CA SER B 12 6.06 28.15 43.51
C SER B 12 6.92 29.32 43.02
N SER B 13 6.25 30.26 42.33
CA SER B 13 6.83 31.45 41.65
C SER B 13 7.34 31.11 40.25
N CYS B 14 7.07 32.02 39.32
CA CYS B 14 7.15 31.77 37.87
C CYS B 14 8.55 31.36 37.41
N LYS B 15 8.66 30.12 36.97
CA LYS B 15 9.94 29.53 36.54
C LYS B 15 9.73 28.73 35.27
N ARG B 16 10.81 28.26 34.69
CA ARG B 16 10.73 27.32 33.58
C ARG B 16 10.85 25.95 34.14
N HIS B 17 10.04 25.03 33.64
CA HIS B 17 10.13 23.63 34.02
C HIS B 17 10.33 22.85 32.75
N PRO B 18 10.98 21.70 32.88
CA PRO B 18 11.31 20.91 31.70
C PRO B 18 10.13 20.17 31.14
N LEU B 19 10.21 19.89 29.84
CA LEU B 19 9.14 19.16 29.17
C LEU B 19 9.67 18.61 27.87
N TYR B 20 9.81 17.29 27.80
CA TYR B 20 10.25 16.64 26.59
C TYR B 20 9.02 16.10 25.88
N VAL B 21 8.81 16.51 24.64
CA VAL B 21 7.65 16.10 23.90
C VAL B 21 8.12 14.93 23.06
N ASP B 22 7.60 13.74 23.37
CA ASP B 22 7.90 12.53 22.60
C ASP B 22 6.90 12.46 21.46
N PHE B 23 7.35 12.56 20.23
CA PHE B 23 6.39 12.61 19.14
C PHE B 23 5.60 11.31 18.94
N SER B 24 6.09 10.18 19.48
CA SER B 24 5.26 8.96 19.50
C SER B 24 4.13 9.13 20.47
N ASP B 25 4.46 9.57 21.66
CA ASP B 25 3.50 9.89 22.70
C ASP B 25 2.43 10.95 22.27
N VAL B 26 2.74 11.76 21.28
CA VAL B 26 1.84 12.82 20.84
C VAL B 26 1.20 12.59 19.48
N GLY B 27 1.70 11.60 18.75
CA GLY B 27 1.11 11.26 17.47
C GLY B 27 1.60 12.08 16.31
N TRP B 28 2.82 12.56 16.40
CA TRP B 28 3.46 13.21 15.26
C TRP B 28 4.56 12.35 14.67
N ASN B 29 4.65 11.10 15.09
CA ASN B 29 5.72 10.26 14.59
C ASN B 29 5.44 9.64 13.25
N ASP B 30 4.18 9.71 12.85
CA ASP B 30 3.82 9.41 11.47
C ASP B 30 4.33 10.43 10.46
N TRP B 31 4.69 11.66 10.88
CA TRP B 31 5.20 12.68 9.92
C TRP B 31 6.53 13.26 10.13
N ILE B 32 7.06 13.16 11.35
CA ILE B 32 8.36 13.72 11.63
C ILE B 32 9.40 12.62 11.62
N VAL B 33 10.25 12.67 10.61
CA VAL B 33 11.28 11.69 10.47
C VAL B 33 12.21 11.84 11.64
N ALA B 34 12.64 13.05 11.90
CA ALA B 34 13.50 13.32 13.04
C ALA B 34 13.32 14.75 13.55
N PRO B 35 13.43 14.99 14.85
CA PRO B 35 13.88 14.03 15.85
C PRO B 35 12.75 13.20 16.40
N PRO B 36 13.04 12.32 17.37
CA PRO B 36 12.02 11.50 18.00
C PRO B 36 11.10 12.29 18.87
N GLY B 37 11.60 13.45 19.25
CA GLY B 37 10.89 14.38 20.11
C GLY B 37 11.89 15.48 20.43
N TYR B 38 11.42 16.49 21.16
CA TYR B 38 12.28 17.60 21.53
C TYR B 38 11.91 18.18 22.89
N HIS B 39 12.88 18.87 23.47
CA HIS B 39 12.78 19.48 24.78
C HIS B 39 12.17 20.87 24.60
N ALA B 40 10.87 20.96 24.86
CA ALA B 40 10.11 22.20 24.68
C ALA B 40 10.09 23.06 25.92
N PHE B 41 10.12 22.42 27.08
CA PHE B 41 9.92 23.11 28.35
C PHE B 41 8.54 23.74 28.42
N TYR B 42 8.23 24.25 29.60
CA TYR B 42 7.06 25.11 29.79
C TYR B 42 7.23 26.00 31.03
N CYS B 43 6.51 27.11 31.02
CA CYS B 43 6.51 28.02 32.14
C CYS B 43 5.37 27.68 33.09
N HIS B 44 5.64 27.80 34.39
CA HIS B 44 4.60 27.69 35.40
C HIS B 44 5.00 28.37 36.68
N GLY B 45 4.03 28.95 37.38
CA GLY B 45 4.27 29.48 38.74
C GLY B 45 3.57 30.80 38.94
N GLU B 46 3.49 31.23 40.20
CA GLU B 46 2.71 32.41 40.56
C GLU B 46 3.43 33.72 40.19
N CYS B 47 2.69 34.83 40.10
CA CYS B 47 3.28 36.17 39.81
C CYS B 47 2.95 37.29 40.85
N PRO B 48 3.53 37.23 42.04
CA PRO B 48 3.39 38.08 43.19
C PRO B 48 4.05 39.47 43.14
N PHE B 49 4.10 40.11 44.30
CA PHE B 49 4.29 41.56 44.45
C PHE B 49 5.67 42.03 44.04
N PRO B 50 6.72 41.25 44.32
CA PRO B 50 8.04 41.63 43.80
C PRO B 50 8.33 41.09 42.39
N LEU B 51 7.79 39.92 42.05
CA LEU B 51 8.21 39.19 40.82
C LEU B 51 7.73 39.86 39.55
N ALA B 52 6.43 40.14 39.52
CA ALA B 52 5.78 40.77 38.35
C ALA B 52 6.34 42.17 38.10
N ASP B 53 6.87 42.75 39.17
CA ASP B 53 7.78 43.90 39.17
C ASP B 53 9.12 43.59 38.49
N HIS B 54 9.64 42.41 38.80
CA HIS B 54 11.02 42.04 38.52
C HIS B 54 11.38 42.06 37.04
N LEU B 55 10.47 41.61 36.19
CA LEU B 55 10.63 41.62 34.74
C LEU B 55 11.27 40.27 34.36
N ASN B 56 11.28 39.95 33.06
CA ASN B 56 10.52 40.67 32.03
C ASN B 56 9.03 40.65 32.32
N SER B 57 8.44 41.84 32.33
CA SER B 57 7.03 42.02 32.61
C SER B 57 6.65 43.30 31.95
N THR B 58 5.40 43.38 31.58
CA THR B 58 4.88 44.53 30.94
C THR B 58 4.32 45.44 32.01
N ASN B 59 4.44 46.75 31.81
CA ASN B 59 3.73 47.69 32.66
C ASN B 59 2.35 47.14 32.98
N HIS B 60 1.61 46.68 31.98
CA HIS B 60 0.27 46.14 32.24
C HIS B 60 0.26 45.06 33.33
N ALA B 61 1.15 44.10 33.21
CA ALA B 61 1.27 43.06 34.20
C ALA B 61 1.44 43.63 35.62
N ILE B 62 2.22 44.70 35.71
CA ILE B 62 2.45 45.36 36.97
C ILE B 62 1.15 45.97 37.46
N VAL B 63 0.49 46.72 36.60
CA VAL B 63 -0.76 47.35 36.96
C VAL B 63 -1.78 46.30 37.35
N GLN B 64 -1.81 45.19 36.62
CA GLN B 64 -2.75 44.14 36.95
C GLN B 64 -2.49 43.52 38.30
N THR B 65 -1.23 43.18 38.60
CA THR B 65 -0.93 42.51 39.89
C THR B 65 -1.21 43.44 41.07
N LEU B 66 -1.04 44.74 40.82
CA LEU B 66 -1.38 45.77 41.79
C LEU B 66 -2.87 45.84 42.01
N VAL B 67 -3.62 45.71 40.94
CA VAL B 67 -5.07 45.65 41.02
C VAL B 67 -5.52 44.40 41.75
N ASN B 68 -4.89 43.28 41.43
CA ASN B 68 -5.18 42.07 42.14
C ASN B 68 -5.03 42.26 43.64
N SER B 69 -3.97 42.95 44.02
CA SER B 69 -3.69 43.22 45.42
C SER B 69 -4.77 44.04 46.13
N VAL B 70 -5.52 44.85 45.39
CA VAL B 70 -6.65 45.56 45.95
C VAL B 70 -7.93 44.74 45.82
N ASN B 71 -8.12 44.14 44.65
CA ASN B 71 -9.38 43.45 44.33
C ASN B 71 -9.03 42.12 43.71
N SER B 72 -9.13 41.06 44.51
CA SER B 72 -8.75 39.73 44.07
C SER B 72 -9.74 39.11 43.10
N LYS B 73 -10.86 39.78 42.82
CA LYS B 73 -11.70 39.39 41.69
C LYS B 73 -10.93 39.49 40.36
N ILE B 74 -10.08 40.50 40.21
CA ILE B 74 -9.18 40.55 39.08
C ILE B 74 -7.96 39.66 39.37
N PRO B 75 -7.67 38.72 38.46
CA PRO B 75 -6.62 37.74 38.75
C PRO B 75 -5.23 38.30 38.52
N LYS B 76 -4.25 37.64 39.16
CA LYS B 76 -2.84 37.98 38.98
C LYS B 76 -2.40 37.79 37.52
N ALA B 77 -1.26 38.35 37.20
CA ALA B 77 -0.65 38.15 35.88
C ALA B 77 -0.33 36.69 35.70
N CYS B 78 -0.01 36.32 34.46
CA CYS B 78 0.21 34.91 34.14
C CYS B 78 1.62 34.56 33.73
N CYS B 79 2.08 33.42 34.22
CA CYS B 79 3.43 32.93 33.95
C CYS B 79 3.42 32.35 32.56
N VAL B 80 4.22 32.90 31.66
CA VAL B 80 4.26 32.46 30.26
C VAL B 80 5.64 32.57 29.65
N PRO B 81 5.85 31.94 28.50
CA PRO B 81 7.13 32.10 27.88
C PRO B 81 7.22 33.47 27.31
N THR B 82 8.31 34.14 27.67
CA THR B 82 8.67 35.44 27.19
C THR B 82 9.84 35.44 26.20
N GLU B 83 10.62 34.38 26.17
CA GLU B 83 11.62 34.22 25.14
C GLU B 83 11.61 32.77 24.66
N LEU B 84 11.61 32.57 23.33
CA LEU B 84 11.60 31.22 22.73
C LEU B 84 12.68 31.07 21.66
N SER B 85 13.11 29.84 21.41
CA SER B 85 14.03 29.55 20.30
C SER B 85 13.40 28.63 19.26
N ALA B 86 14.07 28.57 18.11
CA ALA B 86 13.68 27.67 17.05
C ALA B 86 14.50 26.40 17.07
N ILE B 87 13.90 25.34 16.52
CA ILE B 87 14.59 24.10 16.20
C ILE B 87 14.27 23.62 14.79
N SER B 88 15.21 22.89 14.21
CA SER B 88 14.99 22.19 12.96
C SER B 88 14.39 20.79 13.15
N MET B 89 13.50 20.43 12.21
CA MET B 89 12.88 19.10 12.12
C MET B 89 12.87 18.57 10.67
N LEU B 90 12.69 17.24 10.51
CA LEU B 90 12.69 16.58 9.19
C LEU B 90 11.39 15.89 8.86
N TYR B 91 10.96 16.04 7.63
CA TYR B 91 9.79 15.30 7.18
C TYR B 91 9.93 15.03 5.69
N LEU B 92 8.98 14.28 5.14
CA LEU B 92 9.10 13.90 3.76
C LEU B 92 8.14 14.70 2.85
N ASP B 93 8.57 14.99 1.63
CA ASP B 93 7.77 15.79 0.64
C ASP B 93 6.84 14.80 -0.07
N GLU B 94 6.16 15.27 -1.13
CA GLU B 94 5.32 14.39 -1.95
C GLU B 94 6.09 13.20 -2.44
N ASN B 95 7.36 13.43 -2.77
CA ASN B 95 8.21 12.42 -3.39
C ASN B 95 9.07 11.59 -2.43
N GLU B 96 8.73 11.59 -1.13
CA GLU B 96 9.49 10.77 -0.19
C GLU B 96 10.95 11.24 0.01
N LYS B 97 11.20 12.50 -0.39
CA LYS B 97 12.47 13.18 -0.22
C LYS B 97 12.38 14.05 0.99
N VAL B 98 13.54 14.25 1.60
CA VAL B 98 13.61 14.90 2.89
C VAL B 98 13.48 16.39 2.80
N VAL B 99 12.81 16.94 3.78
CA VAL B 99 12.73 18.38 3.95
C VAL B 99 13.16 18.70 5.36
N LEU B 100 14.12 19.60 5.47
CA LEU B 100 14.59 20.11 6.75
C LEU B 100 14.02 21.48 6.89
N LYS B 101 13.34 21.73 8.00
CA LYS B 101 12.50 22.92 8.12
C LYS B 101 12.70 23.45 9.52
N ASN B 102 12.84 24.76 9.62
CA ASN B 102 13.14 25.41 10.89
C ASN B 102 11.90 26.05 11.50
N TYR B 103 11.49 25.52 12.65
CA TYR B 103 10.27 25.92 13.30
C TYR B 103 10.57 26.92 14.42
N GLN B 104 10.08 28.15 14.24
CA GLN B 104 10.21 29.23 15.23
C GLN B 104 9.46 28.95 16.52
N ASP B 105 9.84 29.62 17.59
CA ASP B 105 9.10 29.55 18.85
C ASP B 105 8.77 28.13 19.36
N MET B 106 9.74 27.24 19.31
CA MET B 106 9.52 25.88 19.78
C MET B 106 9.98 25.64 21.21
N VAL B 107 11.14 26.14 21.56
CA VAL B 107 11.73 25.88 22.88
C VAL B 107 11.67 27.11 23.76
N VAL B 108 11.23 26.97 25.00
CA VAL B 108 11.18 28.09 25.97
C VAL B 108 12.54 28.37 26.53
N GLU B 109 13.03 29.57 26.28
CA GLU B 109 14.32 29.99 26.76
C GLU B 109 14.14 30.90 27.99
N GLY B 110 12.93 31.37 28.26
CA GLY B 110 12.70 32.21 29.42
C GLY B 110 11.23 32.40 29.77
N CYS B 111 10.91 32.52 31.05
CA CYS B 111 9.55 32.79 31.48
C CYS B 111 9.40 34.21 32.04
N GLY B 112 8.15 34.64 32.18
CA GLY B 112 7.80 35.94 32.74
C GLY B 112 6.33 36.11 32.98
N CYS B 113 5.89 37.29 33.43
CA CYS B 113 4.49 37.47 33.85
C CYS B 113 3.88 38.43 32.91
N ARG B 114 2.65 38.15 32.48
CA ARG B 114 1.98 38.97 31.45
C ARG B 114 0.51 39.20 31.69
N ALA C 6 -1.75 29.60 -2.76
CA ALA C 6 -0.29 29.40 -2.93
C ALA C 6 0.40 28.52 -1.82
N GLN C 7 -0.34 27.98 -0.84
CA GLN C 7 0.25 27.23 0.29
C GLN C 7 -0.85 26.73 1.22
N CYS C 8 -0.47 26.30 2.43
CA CYS C 8 -1.40 25.74 3.40
C CYS C 8 -2.49 26.71 3.83
N ARG C 9 -3.74 26.42 3.47
CA ARG C 9 -4.88 27.18 4.00
C ARG C 9 -5.62 26.48 5.13
N ILE C 10 -4.88 26.12 6.17
CA ILE C 10 -5.49 25.63 7.41
C ILE C 10 -6.13 26.77 8.22
N GLN C 11 -5.55 27.97 8.15
CA GLN C 11 -6.06 29.14 8.88
C GLN C 11 -7.53 29.38 8.58
N LYS C 12 -7.90 29.18 7.32
CA LYS C 12 -9.28 29.35 6.91
C LYS C 12 -10.18 28.29 7.50
N CYS C 13 -9.71 27.07 7.55
CA CYS C 13 -10.53 25.99 8.07
C CYS C 13 -10.91 26.27 9.51
N THR C 14 -9.92 26.78 10.25
CA THR C 14 -10.08 27.01 11.67
C THR C 14 -11.07 28.14 11.91
N THR C 15 -10.82 29.29 11.29
CA THR C 15 -11.71 30.45 11.41
C THR C 15 -13.17 30.07 11.10
N ASP C 16 -13.38 29.37 9.98
CA ASP C 16 -14.74 28.95 9.54
C ASP C 16 -15.38 28.10 10.59
N PHE C 17 -14.64 27.09 11.04
CA PHE C 17 -15.08 26.25 12.14
C PHE C 17 -15.48 27.06 13.36
N VAL C 18 -14.62 28.02 13.74
CA VAL C 18 -14.84 28.84 14.93
C VAL C 18 -16.16 29.64 14.81
N SER C 19 -16.36 30.29 13.67
CA SER C 19 -17.57 31.07 13.43
C SER C 19 -18.83 30.22 13.56
N LEU C 20 -18.80 29.04 12.94
CA LEU C 20 -19.94 28.12 12.99
C LEU C 20 -20.24 27.69 14.42
N THR C 21 -19.20 27.36 15.17
CA THR C 21 -19.37 26.99 16.58
C THR C 21 -19.92 28.14 17.45
N SER C 22 -19.48 29.38 17.21
CA SER C 22 -20.04 30.56 17.91
C SER C 22 -21.53 30.75 17.65
N HIS C 23 -21.95 30.54 16.40
CA HIS C 23 -23.36 30.59 15.98
C HIS C 23 -24.06 31.87 16.41
N ASP C 32 -27.10 18.06 20.18
CA ASP C 32 -26.60 16.69 20.16
C ASP C 32 -25.43 16.59 19.18
N SER C 33 -25.68 16.22 17.91
CA SER C 33 -24.69 16.46 16.85
C SER C 33 -24.78 17.93 16.41
N GLU C 34 -24.39 18.81 17.34
CA GLU C 34 -24.34 20.26 17.15
C GLU C 34 -22.94 20.57 16.61
N PHE C 35 -21.93 20.28 17.44
CA PHE C 35 -20.52 20.36 17.08
C PHE C 35 -20.28 19.49 15.84
N CYS C 36 -20.83 18.28 15.86
CA CYS C 36 -20.43 17.23 14.94
C CYS C 36 -20.69 17.58 13.49
N LYS C 37 -21.74 18.35 13.20
CA LYS C 37 -21.91 18.94 11.86
C LYS C 37 -20.62 19.66 11.45
N ALA C 38 -20.22 20.61 12.30
CA ALA C 38 -19.10 21.51 12.03
C ALA C 38 -17.73 20.83 12.14
N LEU C 39 -17.60 19.83 13.02
CA LEU C 39 -16.36 19.06 13.15
C LEU C 39 -16.03 18.30 11.90
N ARG C 40 -17.04 17.65 11.36
CA ARG C 40 -16.90 16.88 10.14
C ARG C 40 -16.58 17.82 8.97
N ALA C 41 -17.10 19.05 9.03
CA ALA C 41 -16.82 20.07 8.01
C ALA C 41 -15.37 20.55 8.06
N TYR C 42 -14.94 20.90 9.27
CA TYR C 42 -13.57 21.28 9.56
C TYR C 42 -12.62 20.19 9.08
N ALA C 43 -12.93 18.95 9.47
CA ALA C 43 -12.13 17.78 9.08
C ALA C 43 -12.02 17.59 7.56
N GLY C 44 -13.10 17.88 6.84
CA GLY C 44 -13.05 17.83 5.39
C GLY C 44 -12.15 18.90 4.84
N CYS C 45 -12.31 20.10 5.41
CA CYS C 45 -11.58 21.28 4.99
C CYS C 45 -10.08 21.04 5.04
N THR C 46 -9.63 20.47 6.16
CA THR C 46 -8.22 20.23 6.42
C THR C 46 -7.64 19.21 5.45
N GLN C 47 -8.39 18.13 5.24
CA GLN C 47 -8.01 17.12 4.27
C GLN C 47 -7.90 17.70 2.87
N ARG C 48 -8.66 18.75 2.59
CA ARG C 48 -8.59 19.37 1.29
C ARG C 48 -7.39 20.29 1.10
N THR C 49 -6.94 20.94 2.16
CA THR C 49 -5.65 21.64 2.11
C THR C 49 -4.50 20.69 2.45
N SER C 50 -4.83 19.41 2.66
CA SER C 50 -3.91 18.36 3.09
C SER C 50 -2.48 18.49 2.58
N LYS C 51 -2.28 18.38 1.27
CA LYS C 51 -0.91 18.19 0.73
C LYS C 51 -0.08 19.46 0.69
N ALA C 52 -0.75 20.59 0.82
CA ALA C 52 -0.05 21.86 0.96
C ALA C 52 0.54 22.00 2.35
N CYS C 53 -0.08 21.37 3.34
CA CYS C 53 0.29 21.53 4.75
C CYS C 53 1.25 20.46 5.25
N ARG C 54 2.13 20.03 4.39
CA ARG C 54 2.89 18.82 4.56
C ARG C 54 3.84 18.92 5.75
N GLY C 55 4.39 20.11 5.94
CA GLY C 55 5.33 20.37 7.03
C GLY C 55 4.79 21.36 8.02
N ASN C 56 3.46 21.54 8.02
CA ASN C 56 2.84 22.61 8.75
C ASN C 56 2.39 22.17 10.14
N LEU C 57 2.93 22.85 11.14
CA LEU C 57 2.72 22.47 12.53
C LEU C 57 1.26 22.65 12.99
N VAL C 58 0.63 23.71 12.50
CA VAL C 58 -0.74 24.04 12.89
C VAL C 58 -1.68 23.00 12.30
N TYR C 59 -1.34 22.54 11.10
CA TYR C 59 -2.17 21.56 10.42
C TYR C 59 -2.11 20.26 11.20
N HIS C 60 -0.92 19.76 11.47
CA HIS C 60 -0.79 18.47 12.13
C HIS C 60 -1.35 18.43 13.52
N SER C 61 -1.37 19.55 14.21
CA SER C 61 -2.01 19.62 15.51
C SER C 61 -3.51 19.61 15.31
N ALA C 62 -4.00 20.45 14.38
CA ALA C 62 -5.43 20.55 14.04
C ALA C 62 -6.07 19.21 13.75
N VAL C 63 -5.34 18.40 13.00
CA VAL C 63 -5.78 17.08 12.60
C VAL C 63 -6.09 16.23 13.80
N LEU C 64 -5.16 16.19 14.74
CA LEU C 64 -5.32 15.44 15.98
C LEU C 64 -6.35 16.14 16.87
N GLY C 65 -6.43 17.46 16.70
CA GLY C 65 -7.34 18.31 17.46
C GLY C 65 -8.78 18.03 17.14
N ILE C 66 -9.06 17.87 15.86
CA ILE C 66 -10.40 17.51 15.44
C ILE C 66 -10.75 16.13 15.92
N SER C 67 -9.88 15.16 15.66
CA SER C 67 -10.17 13.77 16.04
C SER C 67 -10.23 13.56 17.54
N ASP C 68 -9.67 14.50 18.31
CA ASP C 68 -9.84 14.53 19.75
C ASP C 68 -11.30 14.83 20.10
N LEU C 69 -11.88 15.79 19.39
CA LEU C 69 -13.23 16.20 19.64
C LEU C 69 -14.22 15.25 18.97
N MET C 70 -13.77 14.56 17.91
CA MET C 70 -14.54 13.48 17.29
C MET C 70 -14.93 12.40 18.29
N SER C 71 -14.13 12.21 19.33
CA SER C 71 -14.48 11.25 20.38
C SER C 71 -15.56 11.75 21.36
N GLN C 72 -15.69 13.07 21.53
CA GLN C 72 -16.55 13.69 22.57
C GLN C 72 -17.38 14.92 22.09
N ARG C 73 -18.62 14.80 21.62
CA ARG C 73 -19.43 13.57 21.54
C ARG C 73 -18.99 12.71 20.37
N ASN C 74 -19.29 11.41 20.45
CA ASN C 74 -18.91 10.50 19.35
C ASN C 74 -19.61 10.89 18.05
N CYS C 75 -18.82 11.30 17.05
CA CYS C 75 -19.34 11.75 15.75
C CYS C 75 -18.72 10.88 14.62
N SER C 76 -19.44 10.76 13.51
CA SER C 76 -18.89 10.21 12.26
C SER C 76 -18.47 8.74 12.38
N ASP C 91 -25.42 -11.08 -0.81
CA ASP C 91 -26.42 -10.41 -1.62
C ASP C 91 -25.88 -9.14 -2.29
N PRO C 92 -25.05 -8.33 -1.58
CA PRO C 92 -24.66 -7.06 -2.23
C PRO C 92 -23.70 -7.30 -3.39
N CYS C 93 -22.76 -8.24 -3.21
CA CYS C 93 -21.84 -8.66 -4.25
C CYS C 93 -22.10 -10.06 -4.78
N ASN C 94 -22.60 -10.96 -3.93
CA ASN C 94 -22.74 -12.36 -4.34
C ASN C 94 -23.59 -12.56 -5.59
N TYR C 95 -23.08 -13.39 -6.51
CA TYR C 95 -23.61 -13.55 -7.85
C TYR C 95 -25.05 -14.10 -7.87
N HIS C 96 -25.88 -13.60 -8.80
CA HIS C 96 -27.30 -13.97 -8.91
C HIS C 96 -27.63 -14.80 -10.15
N PRO C 112 -29.21 -21.55 -13.98
CA PRO C 112 -28.19 -20.80 -13.24
C PRO C 112 -26.84 -21.51 -13.17
N SER C 113 -26.31 -21.96 -14.32
CA SER C 113 -25.23 -22.99 -14.40
C SER C 113 -23.80 -22.52 -14.82
N TYR C 114 -22.81 -23.37 -14.53
CA TYR C 114 -21.37 -23.02 -14.59
C TYR C 114 -20.56 -23.85 -15.58
N LEU C 115 -19.51 -23.27 -16.13
CA LEU C 115 -18.57 -23.98 -17.00
C LEU C 115 -17.22 -24.11 -16.31
N PHE C 116 -16.36 -24.92 -16.89
CA PHE C 116 -15.12 -25.30 -16.27
C PHE C 116 -14.03 -25.30 -17.33
N CYS C 117 -12.89 -24.78 -16.96
CA CYS C 117 -11.73 -24.81 -17.81
C CYS C 117 -10.59 -25.25 -16.95
N GLY C 118 -9.63 -25.95 -17.52
CA GLY C 118 -8.42 -26.32 -16.78
C GLY C 118 -7.19 -26.53 -17.64
N LEU C 119 -6.01 -26.54 -17.01
CA LEU C 119 -4.76 -26.76 -17.71
C LEU C 119 -3.85 -27.67 -16.90
N PHE C 120 -3.67 -28.91 -17.35
CA PHE C 120 -3.12 -29.97 -16.51
C PHE C 120 -1.86 -30.65 -16.97
N GLY C 121 -1.11 -31.10 -15.97
CA GLY C 121 0.27 -31.52 -16.14
C GLY C 121 0.37 -32.95 -16.60
N ASP C 122 -0.35 -33.79 -15.86
CA ASP C 122 -0.26 -35.23 -15.98
C ASP C 122 0.68 -35.80 -14.89
N PRO D 1 0.72 -28.25 -22.68
CA PRO D 1 0.10 -29.08 -21.66
C PRO D 1 -1.31 -29.45 -22.03
N HIS D 2 -1.99 -30.13 -21.12
CA HIS D 2 -3.33 -30.67 -21.43
C HIS D 2 -4.40 -29.67 -21.03
N LEU D 3 -5.20 -29.25 -22.01
CA LEU D 3 -6.19 -28.22 -21.85
C LEU D 3 -7.59 -28.81 -21.86
N ARG D 4 -8.40 -28.46 -20.84
CA ARG D 4 -9.81 -28.69 -20.89
C ARG D 4 -10.58 -27.40 -21.01
N THR D 5 -11.24 -27.21 -22.17
CA THR D 5 -12.01 -26.01 -22.47
C THR D 5 -13.36 -26.01 -21.80
N PHE D 6 -13.92 -24.81 -21.73
CA PHE D 6 -15.28 -24.60 -21.21
C PHE D 6 -16.31 -25.49 -21.86
N LYS D 7 -16.07 -25.79 -23.13
CA LYS D 7 -17.02 -26.56 -23.93
C LYS D 7 -16.83 -28.05 -23.73
N ASP D 8 -16.03 -28.44 -22.74
CA ASP D 8 -15.92 -29.79 -22.30
C ASP D 8 -15.09 -30.70 -23.20
N ASN D 9 -14.23 -30.15 -24.04
CA ASN D 9 -13.38 -31.05 -24.84
C ASN D 9 -11.90 -30.86 -24.43
N PHE D 10 -11.12 -31.93 -24.59
CA PHE D 10 -9.69 -31.98 -24.28
C PHE D 10 -8.90 -31.58 -25.48
N GLN D 11 -7.72 -31.03 -25.23
CA GLN D 11 -6.69 -30.82 -26.25
C GLN D 11 -5.32 -30.86 -25.59
N THR D 12 -4.32 -31.32 -26.29
CA THR D 12 -2.96 -31.23 -25.82
C THR D 12 -2.28 -30.22 -26.74
N CYS D 13 -1.74 -29.16 -26.16
CA CYS D 13 -1.08 -28.11 -26.96
C CYS D 13 0.33 -27.82 -26.51
N LYS D 14 1.12 -27.33 -27.46
CA LYS D 14 2.44 -26.85 -27.10
C LYS D 14 2.34 -25.51 -26.31
N VAL D 15 1.81 -24.51 -26.99
CA VAL D 15 1.61 -23.17 -26.45
C VAL D 15 2.76 -22.81 -25.51
N GLU D 16 3.97 -22.85 -26.07
CA GLU D 16 5.18 -22.48 -25.32
C GLU D 16 5.20 -20.97 -25.19
N GLY D 17 5.62 -20.48 -24.03
CA GLY D 17 5.64 -19.05 -23.73
C GLY D 17 4.36 -18.62 -23.07
N ALA D 18 3.99 -17.37 -23.31
CA ALA D 18 2.88 -16.70 -22.62
C ALA D 18 1.57 -16.84 -23.36
N TRP D 19 0.52 -17.27 -22.67
CA TRP D 19 -0.74 -17.58 -23.32
C TRP D 19 -1.92 -17.25 -22.45
N PRO D 20 -2.95 -16.64 -23.04
CA PRO D 20 -4.16 -16.33 -22.28
C PRO D 20 -5.18 -17.45 -22.34
N LEU D 21 -5.47 -18.00 -21.17
CA LEU D 21 -6.61 -18.90 -20.99
C LEU D 21 -7.90 -18.15 -20.96
N ILE D 22 -7.93 -17.02 -20.28
CA ILE D 22 -9.11 -16.15 -20.20
C ILE D 22 -8.62 -14.70 -20.28
N ASP D 23 -9.51 -13.84 -20.78
CA ASP D 23 -9.20 -12.44 -21.12
C ASP D 23 -10.47 -11.69 -21.38
N ASN D 24 -11.30 -11.58 -20.35
CA ASN D 24 -12.62 -11.02 -20.50
C ASN D 24 -12.80 -9.84 -19.58
N ASN D 25 -14.00 -9.28 -19.56
CA ASN D 25 -14.26 -8.06 -18.82
C ASN D 25 -14.13 -8.19 -17.32
N TYR D 26 -14.18 -9.43 -16.82
CA TYR D 26 -14.08 -9.69 -15.40
C TYR D 26 -12.75 -10.29 -14.95
N LEU D 27 -12.12 -11.07 -15.79
CA LEU D 27 -11.01 -11.90 -15.37
C LEU D 27 -9.96 -12.07 -16.47
N SER D 28 -8.68 -12.12 -16.11
CA SER D 28 -7.65 -12.51 -17.07
C SER D 28 -6.85 -13.61 -16.42
N VAL D 29 -6.52 -14.63 -17.19
CA VAL D 29 -5.71 -15.73 -16.69
C VAL D 29 -4.66 -15.97 -17.73
N GLN D 30 -3.41 -16.01 -17.28
CA GLN D 30 -2.27 -16.00 -18.20
C GLN D 30 -1.28 -17.01 -17.75
N VAL D 31 -0.80 -17.82 -18.68
CA VAL D 31 0.13 -18.88 -18.32
C VAL D 31 1.36 -18.79 -19.17
N THR D 32 2.47 -19.14 -18.55
CA THR D 32 3.71 -19.31 -19.26
C THR D 32 4.01 -20.79 -19.17
N ASN D 33 4.20 -21.40 -20.36
CA ASN D 33 4.50 -22.83 -20.42
C ASN D 33 5.83 -23.02 -21.08
N VAL D 34 6.36 -24.21 -20.89
CA VAL D 34 7.72 -24.53 -21.27
C VAL D 34 7.93 -26.03 -21.55
N PRO D 35 8.84 -26.38 -22.49
CA PRO D 35 8.97 -27.80 -22.82
C PRO D 35 9.37 -28.68 -21.67
N VAL D 36 8.67 -29.79 -21.52
CA VAL D 36 8.90 -30.68 -20.40
C VAL D 36 10.28 -31.34 -20.45
N VAL D 37 10.76 -31.67 -21.65
CA VAL D 37 12.18 -31.98 -21.88
C VAL D 37 12.64 -31.09 -23.01
N PRO D 38 13.94 -30.77 -23.05
CA PRO D 38 14.41 -29.89 -24.09
C PRO D 38 14.12 -30.42 -25.50
N GLY D 39 13.87 -29.51 -26.43
CA GLY D 39 13.62 -29.88 -27.82
C GLY D 39 12.34 -30.67 -28.03
N SER D 40 11.49 -30.70 -27.01
CA SER D 40 10.28 -31.47 -27.06
C SER D 40 9.17 -30.50 -27.35
N SER D 41 8.07 -31.07 -27.87
CA SER D 41 6.84 -30.36 -28.19
C SER D 41 5.85 -30.33 -27.01
N ALA D 42 5.89 -31.38 -26.19
CA ALA D 42 5.11 -31.51 -24.97
C ALA D 42 5.54 -30.48 -23.92
N THR D 43 4.59 -29.72 -23.38
CA THR D 43 4.92 -28.63 -22.43
C THR D 43 4.23 -28.72 -21.06
N ALA D 44 4.71 -27.91 -20.12
CA ALA D 44 4.07 -27.75 -18.81
C ALA D 44 4.12 -26.30 -18.34
N THR D 45 3.32 -26.01 -17.33
CA THR D 45 3.07 -24.65 -16.93
C THR D 45 3.92 -24.25 -15.74
N ASN D 46 4.72 -23.20 -15.87
CA ASN D 46 5.60 -22.75 -14.77
C ASN D 46 5.28 -21.38 -14.16
N LYS D 47 4.22 -20.75 -14.66
CA LYS D 47 3.78 -19.46 -14.18
C LYS D 47 2.32 -19.30 -14.50
N ILE D 48 1.58 -18.80 -13.51
CA ILE D 48 0.16 -18.62 -13.67
C ILE D 48 -0.15 -17.30 -13.04
N THR D 49 -0.81 -16.44 -13.80
CA THR D 49 -1.20 -15.15 -13.35
C THR D 49 -2.69 -15.00 -13.50
N ILE D 50 -3.33 -14.43 -12.49
CA ILE D 50 -4.74 -14.09 -12.54
C ILE D 50 -4.92 -12.64 -12.15
N ILE D 51 -5.80 -11.97 -12.88
CA ILE D 51 -6.18 -10.62 -12.57
C ILE D 51 -7.67 -10.61 -12.36
N PHE D 52 -8.08 -10.31 -11.14
CA PHE D 52 -9.48 -10.11 -10.82
C PHE D 52 -9.72 -8.65 -11.06
N LYS D 53 -10.43 -8.33 -12.12
CA LYS D 53 -10.57 -6.94 -12.54
C LYS D 53 -11.56 -6.25 -11.60
N ALA D 54 -11.39 -4.93 -11.46
CA ALA D 54 -12.15 -4.20 -10.46
C ALA D 54 -13.66 -4.21 -10.71
N HIS D 55 -14.48 -4.58 -9.72
CA HIS D 55 -15.96 -4.52 -9.85
C HIS D 55 -16.44 -3.42 -8.91
N HIS D 56 -16.88 -2.29 -9.48
CA HIS D 56 -17.24 -1.10 -8.70
C HIS D 56 -17.98 -1.48 -7.44
N GLY D 57 -17.39 -1.13 -6.29
CA GLY D 57 -18.00 -1.33 -4.97
C GLY D 57 -17.82 -2.69 -4.33
N CYS D 58 -17.21 -3.64 -5.03
CA CYS D 58 -17.12 -5.01 -4.52
C CYS D 58 -15.69 -5.41 -4.19
N THR D 59 -14.81 -5.24 -5.17
CA THR D 59 -13.39 -5.33 -4.93
C THR D 59 -12.71 -4.41 -5.89
N ASP D 60 -11.60 -3.85 -5.43
CA ASP D 60 -10.62 -3.24 -6.32
C ASP D 60 -9.87 -4.37 -7.01
N GLN D 61 -9.02 -4.01 -7.96
CA GLN D 61 -8.20 -4.99 -8.67
C GLN D 61 -7.27 -5.77 -7.76
N LYS D 62 -7.16 -7.07 -7.98
CA LYS D 62 -6.21 -7.91 -7.26
C LYS D 62 -5.51 -8.81 -8.25
N VAL D 63 -4.32 -9.28 -7.89
CA VAL D 63 -3.53 -10.08 -8.81
C VAL D 63 -2.82 -11.22 -8.12
N TYR D 64 -3.16 -12.43 -8.54
CA TYR D 64 -2.45 -13.61 -8.12
C TYR D 64 -1.41 -13.96 -9.17
N GLN D 65 -0.21 -14.28 -8.70
CA GLN D 65 0.78 -14.86 -9.55
C GLN D 65 1.53 -15.88 -8.73
N ALA D 66 1.78 -17.02 -9.37
CA ALA D 66 2.56 -18.11 -8.79
C ALA D 66 3.49 -18.67 -9.84
N VAL D 67 4.61 -19.22 -9.36
CA VAL D 67 5.57 -19.86 -10.23
C VAL D 67 6.13 -21.06 -9.56
N THR D 68 6.82 -21.88 -10.34
CA THR D 68 7.40 -23.11 -9.82
C THR D 68 8.11 -22.78 -8.54
N ASP D 69 7.65 -23.40 -7.46
CA ASP D 69 8.29 -23.35 -6.14
C ASP D 69 7.97 -22.08 -5.38
N ASP D 70 7.09 -21.23 -5.92
CA ASP D 70 6.60 -20.08 -5.16
C ASP D 70 5.10 -19.99 -5.36
N LEU D 71 4.39 -20.59 -4.41
CA LEU D 71 2.96 -20.71 -4.49
C LEU D 71 2.34 -20.09 -3.26
N PRO D 72 2.21 -18.77 -3.27
CA PRO D 72 1.74 -18.06 -2.11
C PRO D 72 0.25 -18.13 -1.93
N ALA D 73 -0.20 -17.87 -0.70
CA ALA D 73 -1.62 -17.80 -0.39
C ALA D 73 -2.01 -16.35 -0.19
N ALA D 74 -1.55 -15.53 -1.13
CA ALA D 74 -1.83 -14.12 -1.12
C ALA D 74 -1.66 -13.57 -2.51
N PHE D 75 -2.18 -12.38 -2.70
CA PHE D 75 -1.96 -11.64 -3.94
C PHE D 75 -0.62 -10.96 -3.87
N VAL D 76 -0.09 -10.58 -5.03
CA VAL D 76 1.20 -9.88 -5.15
C VAL D 76 1.40 -8.78 -4.14
N ASP D 77 0.33 -8.03 -3.86
CA ASP D 77 0.40 -6.92 -2.90
C ASP D 77 0.41 -7.36 -1.42
N GLY D 78 0.42 -8.66 -1.17
CA GLY D 78 0.51 -9.20 0.15
C GLY D 78 -0.83 -9.48 0.80
N THR D 79 -1.90 -9.00 0.20
CA THR D 79 -3.20 -9.16 0.79
C THR D 79 -3.79 -10.53 0.52
N THR D 80 -4.81 -10.89 1.27
CA THR D 80 -5.48 -12.18 1.13
C THR D 80 -6.94 -12.07 0.82
N SER D 81 -7.37 -10.94 0.26
CA SER D 81 -8.78 -10.67 0.05
C SER D 81 -8.97 -9.31 -0.59
N GLY D 82 -10.19 -9.07 -1.10
CA GLY D 82 -10.46 -7.91 -1.94
C GLY D 82 -11.47 -6.96 -1.33
N GLY D 83 -11.11 -5.68 -1.24
CA GLY D 83 -12.04 -4.61 -0.87
C GLY D 83 -12.62 -4.76 0.53
N ASP D 84 -13.94 -4.63 0.63
CA ASP D 84 -14.70 -4.58 1.91
C ASP D 84 -14.18 -5.53 3.02
N SER D 85 -14.14 -5.04 4.27
CA SER D 85 -13.73 -5.86 5.45
C SER D 85 -14.78 -6.91 5.81
N ASP D 86 -16.03 -6.46 5.81
CA ASP D 86 -17.19 -7.28 6.14
C ASP D 86 -17.54 -8.26 5.00
N ALA D 87 -17.30 -7.84 3.74
CA ALA D 87 -17.55 -8.68 2.56
C ALA D 87 -16.27 -9.42 2.18
N LYS D 88 -16.36 -10.73 2.07
CA LYS D 88 -15.28 -11.51 1.52
C LYS D 88 -15.59 -11.73 0.04
N SER D 89 -15.92 -10.66 -0.67
CA SER D 89 -16.31 -10.80 -2.07
C SER D 89 -15.24 -11.52 -2.88
N LEU D 90 -13.98 -11.31 -2.52
CA LEU D 90 -12.86 -12.04 -3.08
C LEU D 90 -11.92 -12.41 -1.95
N ARG D 91 -11.54 -13.67 -1.86
CA ARG D 91 -10.56 -14.10 -0.86
C ARG D 91 -9.78 -15.28 -1.40
N ILE D 92 -8.60 -15.52 -0.83
CA ILE D 92 -7.73 -16.60 -1.29
C ILE D 92 -7.33 -17.45 -0.10
N VAL D 93 -7.32 -18.76 -0.28
CA VAL D 93 -7.01 -19.68 0.79
C VAL D 93 -5.98 -20.71 0.41
N GLU D 94 -5.15 -21.09 1.37
CA GLU D 94 -4.21 -22.18 1.18
C GLU D 94 -4.95 -23.47 1.44
N ARG D 95 -4.59 -24.54 0.71
CA ARG D 95 -5.20 -25.87 0.89
C ARG D 95 -4.21 -27.01 0.82
N GLU D 96 -4.58 -28.17 1.35
CA GLU D 96 -3.71 -29.35 1.30
C GLU D 96 -2.33 -28.99 1.88
N SER D 97 -2.38 -28.34 3.05
CA SER D 97 -1.22 -27.67 3.68
C SER D 97 -0.25 -27.08 2.64
N GLY D 98 -0.76 -26.18 1.83
CA GLY D 98 0.07 -25.35 0.99
C GLY D 98 0.25 -25.84 -0.40
N HIS D 99 -0.04 -27.11 -0.64
CA HIS D 99 0.27 -27.66 -1.95
C HIS D 99 -0.65 -27.17 -3.07
N TYR D 100 -1.82 -26.64 -2.74
CA TYR D 100 -2.52 -25.78 -3.68
C TYR D 100 -3.29 -24.70 -2.95
N VAL D 101 -3.63 -23.67 -3.69
CA VAL D 101 -4.41 -22.57 -3.16
C VAL D 101 -5.65 -22.38 -3.99
N GLU D 102 -6.72 -21.86 -3.37
CA GLU D 102 -7.95 -21.60 -4.11
C GLU D 102 -8.52 -20.22 -3.84
N MET D 103 -9.05 -19.62 -4.89
CA MET D 103 -9.57 -18.27 -4.85
C MET D 103 -11.07 -18.26 -5.08
N HIS D 104 -11.82 -17.70 -4.13
CA HIS D 104 -13.27 -17.58 -4.23
C HIS D 104 -13.63 -16.17 -4.57
N ALA D 105 -14.00 -15.93 -5.83
CA ALA D 105 -14.58 -14.65 -6.27
C ALA D 105 -16.12 -14.68 -6.26
N ARG D 106 -16.72 -14.69 -5.08
CA ARG D 106 -18.17 -14.68 -4.90
C ARG D 106 -18.85 -13.71 -5.83
N TYR D 107 -18.27 -12.51 -5.96
CA TYR D 107 -18.86 -11.45 -6.80
C TYR D 107 -19.09 -11.86 -8.26
N ILE D 108 -18.28 -12.79 -8.76
CA ILE D 108 -18.46 -13.33 -10.11
C ILE D 108 -18.62 -14.84 -10.12
N GLY D 109 -19.19 -15.39 -9.04
CA GLY D 109 -19.36 -16.84 -8.85
C GLY D 109 -18.23 -17.72 -9.37
N THR D 110 -17.01 -17.24 -9.33
CA THR D 110 -15.91 -17.91 -9.95
C THR D 110 -14.99 -18.48 -8.89
N THR D 111 -14.57 -19.71 -9.10
CA THR D 111 -13.62 -20.34 -8.21
C THR D 111 -12.40 -20.74 -9.01
N VAL D 112 -11.22 -20.39 -8.52
CA VAL D 112 -9.97 -20.72 -9.22
C VAL D 112 -9.04 -21.47 -8.30
N PHE D 113 -8.40 -22.52 -8.83
CA PHE D 113 -7.43 -23.32 -8.12
C PHE D 113 -6.07 -23.28 -8.81
N VAL D 114 -5.00 -23.21 -8.01
CA VAL D 114 -3.63 -23.30 -8.53
C VAL D 114 -2.86 -24.25 -7.65
N ARG D 115 -2.13 -25.14 -8.27
CA ARG D 115 -1.50 -26.24 -7.56
C ARG D 115 -0.14 -26.46 -8.13
N GLN D 116 0.76 -26.93 -7.26
CA GLN D 116 2.08 -27.29 -7.69
C GLN D 116 2.09 -28.78 -7.75
N VAL D 117 2.52 -29.27 -8.91
CA VAL D 117 2.74 -30.68 -9.12
C VAL D 117 4.17 -30.78 -9.56
N GLY D 118 5.00 -31.38 -8.72
CA GLY D 118 6.44 -31.45 -8.98
C GLY D 118 6.96 -30.08 -9.32
N ARG D 119 7.48 -29.91 -10.53
CA ARG D 119 8.15 -28.68 -10.88
C ARG D 119 7.31 -27.70 -11.64
N TYR D 120 6.02 -27.95 -11.73
CA TYR D 120 5.13 -27.12 -12.55
C TYR D 120 3.81 -26.89 -11.82
N LEU D 121 2.94 -26.12 -12.48
CA LEU D 121 1.65 -25.74 -11.93
C LEU D 121 0.45 -26.26 -12.76
N THR D 122 -0.61 -26.77 -12.10
CA THR D 122 -1.87 -27.00 -12.75
C THR D 122 -2.81 -25.89 -12.39
N LEU D 123 -3.83 -25.71 -13.22
CA LEU D 123 -4.84 -24.68 -13.04
C LEU D 123 -6.24 -25.21 -13.32
N ALA D 124 -7.19 -24.84 -12.48
CA ALA D 124 -8.58 -25.18 -12.66
C ALA D 124 -9.48 -23.97 -12.39
N ILE D 125 -10.51 -23.78 -13.21
CA ILE D 125 -11.43 -22.64 -13.06
C ILE D 125 -12.82 -23.13 -13.23
N ARG D 126 -13.71 -22.66 -12.37
CA ARG D 126 -15.15 -22.88 -12.48
C ARG D 126 -15.80 -21.51 -12.47
N MET D 127 -16.59 -21.22 -13.50
CA MET D 127 -17.07 -19.87 -13.78
C MET D 127 -18.49 -19.88 -14.35
N PRO D 128 -19.33 -18.88 -14.01
CA PRO D 128 -20.68 -18.87 -14.57
C PRO D 128 -20.66 -18.72 -16.09
N GLU D 129 -21.59 -19.41 -16.75
CA GLU D 129 -21.65 -19.44 -18.20
C GLU D 129 -21.62 -18.06 -18.85
N ASP D 130 -22.56 -17.22 -18.46
CA ASP D 130 -22.70 -15.90 -19.08
C ASP D 130 -21.44 -15.05 -18.89
N LEU D 131 -20.96 -14.97 -17.66
CA LEU D 131 -19.80 -14.14 -17.34
C LEU D 131 -18.57 -14.62 -18.13
N ALA D 132 -18.41 -15.95 -18.29
CA ALA D 132 -17.34 -16.53 -19.13
C ALA D 132 -17.35 -16.01 -20.56
N MET D 133 -18.56 -15.91 -21.11
CA MET D 133 -18.80 -15.47 -22.47
C MET D 133 -18.83 -13.94 -22.65
N SER D 134 -18.58 -13.20 -21.58
CA SER D 134 -18.71 -11.73 -21.57
C SER D 134 -17.69 -10.99 -22.43
N TYR D 135 -16.54 -11.61 -22.65
CA TYR D 135 -15.48 -11.08 -23.53
C TYR D 135 -15.97 -10.38 -24.81
N GLU D 136 -15.53 -9.14 -24.99
CA GLU D 136 -15.65 -8.47 -26.29
C GLU D 136 -14.83 -9.11 -27.41
N GLU D 137 -15.34 -8.99 -28.63
CA GLU D 137 -14.81 -9.74 -29.77
C GLU D 137 -13.50 -9.13 -30.27
N SER D 138 -12.70 -9.89 -31.02
CA SER D 138 -11.33 -9.52 -31.38
C SER D 138 -10.48 -9.54 -30.11
N GLN D 139 -11.13 -9.88 -29.01
CA GLN D 139 -10.51 -10.33 -27.81
C GLN D 139 -10.65 -11.87 -27.79
N ASP D 140 -10.74 -12.45 -28.99
CA ASP D 140 -11.14 -13.86 -29.21
C ASP D 140 -10.16 -14.88 -28.67
N LEU D 141 -8.87 -14.55 -28.61
CA LEU D 141 -7.89 -15.55 -28.18
C LEU D 141 -7.91 -15.81 -26.67
N GLN D 142 -8.79 -16.73 -26.27
CA GLN D 142 -8.83 -17.25 -24.93
C GLN D 142 -8.87 -18.77 -25.09
N LEU D 143 -7.88 -19.48 -24.59
CA LEU D 143 -7.82 -20.95 -24.72
C LEU D 143 -8.97 -21.69 -24.10
N CYS D 144 -9.47 -21.20 -22.98
CA CYS D 144 -10.60 -21.85 -22.34
C CYS D 144 -11.87 -21.78 -23.17
N VAL D 145 -12.01 -20.72 -23.95
CA VAL D 145 -13.19 -20.56 -24.80
C VAL D 145 -13.05 -21.31 -26.13
N ASN D 146 -12.03 -20.95 -26.91
CA ASN D 146 -11.87 -21.42 -28.27
C ASN D 146 -10.93 -22.59 -28.44
N GLY D 147 -10.19 -22.91 -27.41
CA GLY D 147 -9.11 -23.87 -27.55
C GLY D 147 -7.87 -23.28 -28.16
N CYS D 148 -6.89 -24.14 -28.42
CA CYS D 148 -5.63 -23.73 -29.01
C CYS D 148 -5.81 -23.45 -30.46
N PRO D 149 -5.06 -22.50 -31.01
CA PRO D 149 -4.99 -22.47 -32.46
C PRO D 149 -4.46 -23.82 -32.94
N LEU D 150 -5.00 -24.27 -34.07
CA LEU D 150 -4.69 -25.59 -34.60
C LEU D 150 -3.19 -25.83 -34.68
N SER D 151 -2.46 -24.85 -35.22
CA SER D 151 -0.99 -24.92 -35.31
C SER D 151 -0.26 -25.23 -34.03
N GLU D 152 -0.94 -25.10 -32.89
CA GLU D 152 -0.31 -25.20 -31.61
C GLU D 152 -0.68 -26.49 -30.92
N ARG D 153 -1.14 -27.46 -31.70
CA ARG D 153 -1.74 -28.63 -31.17
C ARG D 153 -0.86 -29.80 -31.50
N ILE D 154 -0.70 -30.73 -30.58
CA ILE D 154 0.17 -31.88 -30.83
C ILE D 154 -0.47 -32.97 -31.70
N ASP D 155 -1.81 -33.09 -31.74
CA ASP D 155 -2.48 -34.29 -32.39
C ASP D 155 -3.08 -33.96 -33.79
N ASP D 156 -2.25 -34.03 -34.81
CA ASP D 156 -2.66 -33.90 -36.21
C ASP D 156 -3.35 -35.18 -36.76
#